data_3LF5
#
_entry.id   3LF5
#
_cell.length_a   38.480
_cell.length_b   56.370
_cell.length_c   42.560
_cell.angle_alpha   90.000
_cell.angle_beta   100.670
_cell.angle_gamma   90.000
#
_symmetry.space_group_name_H-M   'P 1 21 1'
#
loop_
_entity.id
_entity.type
_entity.pdbx_description
1 polymer 'Cytochrome b5 reductase 4'
2 non-polymer 'PROTOPORPHYRIN IX CONTAINING FE'
3 non-polymer 'SULFATE ION'
4 water water
#
_entity_poly.entity_id   1
_entity_poly.type   'polypeptide(L)'
_entity_poly.pdbx_seq_one_letter_code
;MKGRLIEVTEEELKKHNKKDDCWICIRGFVYNVSPYMEYHPGGEDELMRAAGSDGTELFDQVHRWVNYESMLKECLVGRM
AIKPAVLK
;
_entity_poly.pdbx_strand_id   A,B
#
# COMPACT_ATOMS: atom_id res chain seq x y z
N LYS A 2 18.50 16.16 -17.21
CA LYS A 2 18.25 14.71 -17.47
C LYS A 2 17.50 14.17 -16.24
N GLY A 3 16.69 13.14 -16.43
CA GLY A 3 16.16 12.35 -15.33
C GLY A 3 15.04 12.98 -14.52
N ARG A 4 14.33 13.94 -15.14
CA ARG A 4 13.28 14.72 -14.47
C ARG A 4 12.02 13.86 -14.32
N LEU A 5 11.72 13.08 -15.36
CA LEU A 5 10.55 12.23 -15.33
C LEU A 5 10.95 10.79 -15.64
N ILE A 6 10.50 9.88 -14.77
CA ILE A 6 10.88 8.48 -14.85
C ILE A 6 9.65 7.57 -14.91
N GLU A 7 9.92 6.33 -15.34
CA GLU A 7 8.97 5.24 -15.17
C GLU A 7 9.13 4.65 -13.76
N VAL A 8 8.01 4.43 -13.06
CA VAL A 8 8.01 3.92 -11.70
C VAL A 8 7.35 2.54 -11.69
N THR A 9 8.10 1.52 -11.35
CA THR A 9 7.51 0.22 -11.16
C THR A 9 6.87 0.15 -9.77
N GLU A 10 5.97 -0.80 -9.55
CA GLU A 10 5.39 -0.94 -8.22
CA GLU A 10 5.39 -0.96 -8.23
C GLU A 10 6.47 -1.29 -7.19
N GLU A 11 7.45 -2.09 -7.57
CA GLU A 11 8.56 -2.41 -6.67
C GLU A 11 9.31 -1.14 -6.24
N GLU A 12 9.55 -0.22 -7.18
CA GLU A 12 10.19 1.05 -6.84
C GLU A 12 9.28 1.90 -5.94
N LEU A 13 8.02 2.02 -6.33
CA LEU A 13 7.07 2.85 -5.57
C LEU A 13 7.04 2.47 -4.10
N LYS A 14 7.01 1.17 -3.85
CA LYS A 14 6.85 0.72 -2.47
CA LYS A 14 6.90 0.59 -2.49
C LYS A 14 8.05 0.98 -1.57
N LYS A 15 9.21 1.29 -2.16
CA LYS A 15 10.39 1.68 -1.37
C LYS A 15 10.19 3.03 -0.68
N HIS A 16 9.32 3.86 -1.26
CA HIS A 16 9.13 5.22 -0.81
C HIS A 16 7.88 5.30 0.05
N ASN A 17 7.96 4.65 1.21
CA ASN A 17 6.78 4.45 2.07
C ASN A 17 7.00 5.03 3.46
N LYS A 18 7.93 5.99 3.58
CA LYS A 18 8.27 6.59 4.86
C LYS A 18 7.96 8.07 4.80
N LYS A 19 7.69 8.69 5.94
CA LYS A 19 7.31 10.09 5.91
C LYS A 19 8.30 11.01 5.21
N ASP A 20 9.59 10.77 5.41
CA ASP A 20 10.62 11.59 4.79
C ASP A 20 10.94 11.20 3.35
N ASP A 21 10.33 10.12 2.85
CA ASP A 21 10.56 9.64 1.50
C ASP A 21 9.30 8.90 1.07
N CYS A 22 8.29 9.68 0.72
CA CYS A 22 6.94 9.20 0.52
C CYS A 22 6.49 9.49 -0.88
N TRP A 23 6.34 8.44 -1.69
CA TRP A 23 5.75 8.58 -3.01
C TRP A 23 4.34 8.02 -2.99
N ILE A 24 3.45 8.69 -3.72
CA ILE A 24 2.08 8.21 -3.91
C ILE A 24 1.73 8.32 -5.38
N CYS A 25 1.03 7.30 -5.87
CA CYS A 25 0.49 7.30 -7.22
C CYS A 25 -0.97 7.73 -7.19
N ILE A 26 -1.34 8.72 -8.00
CA ILE A 26 -2.71 9.14 -8.20
C ILE A 26 -2.99 9.08 -9.70
N ARG A 27 -3.91 8.21 -10.09
CA ARG A 27 -4.31 8.05 -11.50
CA ARG A 27 -4.31 8.09 -11.50
C ARG A 27 -3.10 7.91 -12.43
N GLY A 28 -2.14 7.11 -11.99
CA GLY A 28 -0.95 6.76 -12.76
C GLY A 28 0.19 7.74 -12.67
N PHE A 29 -0.02 8.89 -12.04
CA PHE A 29 1.02 9.89 -11.86
C PHE A 29 1.62 9.72 -10.48
N VAL A 30 2.95 9.73 -10.40
CA VAL A 30 3.63 9.46 -9.13
C VAL A 30 4.21 10.76 -8.62
N TYR A 31 3.93 11.08 -7.35
CA TYR A 31 4.37 12.30 -6.72
C TYR A 31 5.16 12.00 -5.47
N ASN A 32 6.24 12.78 -5.29
CA ASN A 32 6.97 12.82 -4.06
CA ASN A 32 6.96 12.76 -4.03
C ASN A 32 6.27 13.76 -3.10
N VAL A 33 5.44 13.24 -2.21
CA VAL A 33 4.67 14.09 -1.31
C VAL A 33 5.36 14.40 0.00
N SER A 34 6.61 13.96 0.18
CA SER A 34 7.29 14.31 1.42
CA SER A 34 7.39 14.30 1.37
C SER A 34 7.33 15.82 1.69
N PRO A 35 7.55 16.69 0.67
CA PRO A 35 7.50 18.14 0.98
C PRO A 35 6.12 18.69 1.26
N TYR A 36 5.09 17.96 0.85
CA TYR A 36 3.70 18.38 1.04
C TYR A 36 3.16 17.93 2.40
N MET A 37 3.81 16.95 3.03
CA MET A 37 3.32 16.37 4.27
C MET A 37 2.89 17.41 5.28
N GLU A 38 3.75 18.41 5.50
CA GLU A 38 3.51 19.39 6.55
C GLU A 38 2.36 20.36 6.21
N TYR A 39 1.89 20.39 4.97
CA TYR A 39 0.85 21.30 4.50
C TYR A 39 -0.52 20.65 4.32
N HIS A 40 -0.58 19.33 4.17
CA HIS A 40 -1.83 18.65 3.84
C HIS A 40 -2.93 19.02 4.84
N PRO A 41 -4.06 19.59 4.35
CA PRO A 41 -5.08 19.94 5.32
C PRO A 41 -5.61 18.78 6.17
N GLY A 42 -5.63 17.57 5.61
CA GLY A 42 -6.11 16.41 6.34
C GLY A 42 -5.10 15.82 7.30
N GLY A 43 -3.89 16.37 7.34
CA GLY A 43 -2.85 15.92 8.25
C GLY A 43 -1.94 14.86 7.68
N GLU A 44 -0.87 14.59 8.40
CA GLU A 44 0.16 13.69 7.93
C GLU A 44 -0.24 12.22 7.99
N ASP A 45 -0.89 11.80 9.06
CA ASP A 45 -1.31 10.41 9.19
C ASP A 45 -2.21 9.98 8.04
N GLU A 46 -3.14 10.83 7.65
CA GLU A 46 -4.04 10.50 6.57
C GLU A 46 -3.26 10.32 5.26
N LEU A 47 -2.37 11.25 4.96
CA LEU A 47 -1.63 11.17 3.73
C LEU A 47 -0.76 9.89 3.74
N MET A 48 -0.20 9.57 4.89
CA MET A 48 0.61 8.37 5.04
C MET A 48 -0.13 7.05 4.81
N ARG A 49 -1.47 7.06 4.86
CA ARG A 49 -2.24 5.87 4.55
C ARG A 49 -1.93 5.38 3.15
N ALA A 50 -1.51 6.28 2.26
CA ALA A 50 -1.23 5.95 0.86
C ALA A 50 0.26 5.83 0.58
N ALA A 51 1.12 5.90 1.59
CA ALA A 51 2.57 5.94 1.37
C ALA A 51 3.05 4.72 0.58
N GLY A 52 3.81 4.95 -0.47
CA GLY A 52 4.37 3.88 -1.25
C GLY A 52 3.34 3.08 -2.00
N SER A 53 2.20 3.68 -2.34
CA SER A 53 1.10 2.92 -2.93
C SER A 53 0.30 3.76 -3.89
N ASP A 54 -0.66 3.11 -4.53
CA ASP A 54 -1.65 3.82 -5.31
CA ASP A 54 -1.68 3.79 -5.33
C ASP A 54 -2.71 4.39 -4.38
N GLY A 55 -2.72 5.71 -4.30
CA GLY A 55 -3.63 6.43 -3.43
C GLY A 55 -4.92 6.88 -4.06
N THR A 56 -5.18 6.45 -5.30
CA THR A 56 -6.32 6.97 -6.04
C THR A 56 -7.64 6.73 -5.34
N GLU A 57 -7.86 5.52 -4.85
CA GLU A 57 -9.14 5.22 -4.17
C GLU A 57 -9.33 6.02 -2.91
N LEU A 58 -8.29 6.10 -2.08
CA LEU A 58 -8.38 6.91 -0.88
C LEU A 58 -8.66 8.37 -1.24
N PHE A 59 -7.92 8.89 -2.20
CA PHE A 59 -8.06 10.29 -2.65
C PHE A 59 -9.51 10.54 -3.09
N ASP A 60 -10.04 9.61 -3.88
CA ASP A 60 -11.37 9.79 -4.44
C ASP A 60 -12.46 9.67 -3.36
N GLN A 61 -12.17 8.97 -2.28
CA GLN A 61 -13.16 8.80 -1.22
C GLN A 61 -13.27 10.02 -0.31
N VAL A 62 -12.27 10.90 -0.35
CA VAL A 62 -12.29 12.09 0.50
C VAL A 62 -12.41 13.39 -0.27
N HIS A 63 -11.80 13.51 -1.44
CA HIS A 63 -11.84 14.76 -2.18
C HIS A 63 -11.48 14.57 -3.64
N ARG A 64 -12.41 13.96 -4.38
CA ARG A 64 -12.15 13.59 -5.78
CA ARG A 64 -12.10 13.57 -5.75
C ARG A 64 -11.78 14.76 -6.68
N TRP A 65 -12.16 15.99 -6.30
CA TRP A 65 -11.98 17.14 -7.21
C TRP A 65 -10.82 18.03 -6.84
N VAL A 66 -10.04 17.63 -5.84
CA VAL A 66 -8.86 18.43 -5.49
C VAL A 66 -7.89 18.43 -6.68
N ASN A 67 -7.34 19.61 -7.01
CA ASN A 67 -6.48 19.76 -8.17
C ASN A 67 -5.05 19.35 -7.89
N TYR A 68 -4.84 18.06 -7.70
CA TYR A 68 -3.52 17.55 -7.32
C TYR A 68 -2.49 17.77 -8.43
N GLU A 69 -2.90 17.73 -9.70
CA GLU A 69 -1.94 17.83 -10.80
C GLU A 69 -1.25 19.18 -10.76
N SER A 70 -2.02 20.22 -10.52
CA SER A 70 -1.44 21.55 -10.44
CA SER A 70 -1.41 21.54 -10.45
CA SER A 70 -1.48 21.58 -10.40
C SER A 70 -0.74 21.77 -9.10
N MET A 71 -1.35 21.32 -7.99
CA MET A 71 -0.77 21.56 -6.68
C MET A 71 0.61 20.87 -6.52
N LEU A 72 0.73 19.65 -7.07
CA LEU A 72 1.91 18.84 -6.84
C LEU A 72 2.85 18.82 -8.05
N LYS A 73 2.65 19.71 -9.01
CA LYS A 73 3.40 19.62 -10.26
C LYS A 73 4.91 19.59 -10.03
N GLU A 74 5.41 20.35 -9.06
CA GLU A 74 6.85 20.44 -8.84
C GLU A 74 7.43 19.22 -8.14
N CYS A 75 6.56 18.31 -7.68
CA CYS A 75 6.87 17.05 -7.00
CA CYS A 75 7.04 17.08 -7.06
C CYS A 75 6.60 15.84 -7.86
N LEU A 76 6.25 16.03 -9.12
CA LEU A 76 5.97 14.93 -10.05
C LEU A 76 7.24 14.13 -10.32
N VAL A 77 7.21 12.85 -10.04
CA VAL A 77 8.32 11.91 -10.27
C VAL A 77 8.23 11.33 -11.68
N GLY A 78 7.03 11.01 -12.11
CA GLY A 78 6.83 10.36 -13.37
C GLY A 78 5.54 9.56 -13.37
N ARG A 79 5.56 8.45 -14.10
CA ARG A 79 4.37 7.66 -14.37
C ARG A 79 4.61 6.21 -13.99
N MET A 80 3.53 5.54 -13.56
CA MET A 80 3.60 4.12 -13.29
C MET A 80 3.86 3.35 -14.57
N ALA A 81 4.69 2.32 -14.43
CA ALA A 81 4.93 1.37 -15.49
C ALA A 81 3.64 0.67 -15.88
N ILE A 82 3.59 0.17 -17.11
CA ILE A 82 2.43 -0.59 -17.56
C ILE A 82 2.84 -1.97 -18.03
N LYS A 83 1.89 -2.90 -18.01
CA LYS A 83 2.10 -4.20 -18.62
C LYS A 83 1.83 -4.03 -20.11
N PRO A 84 2.62 -4.70 -20.95
CA PRO A 84 2.38 -4.58 -22.40
C PRO A 84 0.93 -4.87 -22.83
N ALA A 85 0.24 -5.76 -22.13
CA ALA A 85 -1.14 -6.12 -22.47
C ALA A 85 -2.10 -4.95 -22.34
N VAL A 86 -1.74 -3.96 -21.52
CA VAL A 86 -2.53 -2.74 -21.35
C VAL A 86 -2.80 -2.05 -22.69
N LEU A 87 -1.88 -2.24 -23.65
CA LEU A 87 -1.95 -1.53 -24.93
C LEU A 87 -2.68 -2.31 -26.02
N LYS A 88 -3.20 -3.49 -25.69
CA LYS A 88 -3.97 -4.30 -26.64
C LYS A 88 -5.30 -3.62 -26.98
N LYS B 2 1.77 -18.90 24.06
CA LYS B 2 1.90 -17.44 24.35
C LYS B 2 2.46 -16.77 23.12
N GLY B 3 2.16 -15.50 22.93
CA GLY B 3 2.79 -14.70 21.87
C GLY B 3 2.29 -15.04 20.48
N ARG B 4 1.12 -15.67 20.40
CA ARG B 4 0.55 -16.13 19.15
C ARG B 4 -0.06 -14.98 18.36
N LEU B 5 -0.66 -14.01 19.05
CA LEU B 5 -1.30 -12.88 18.38
C LEU B 5 -0.78 -11.60 18.99
N ILE B 6 -0.39 -10.67 18.13
CA ILE B 6 0.21 -9.43 18.55
C ILE B 6 -0.49 -8.21 17.93
N GLU B 7 -0.22 -7.06 18.51
CA GLU B 7 -0.56 -5.77 17.94
CA GLU B 7 -0.59 -5.79 17.90
C GLU B 7 0.55 -5.40 16.94
N VAL B 8 0.18 -5.07 15.72
CA VAL B 8 1.10 -4.72 14.65
C VAL B 8 1.01 -3.22 14.37
N THR B 9 2.13 -2.53 14.55
CA THR B 9 2.19 -1.12 14.18
C THR B 9 2.50 -0.99 12.71
N GLU B 10 2.23 0.20 12.18
CA GLU B 10 2.59 0.49 10.78
C GLU B 10 4.10 0.31 10.58
N GLU B 11 4.90 0.75 11.56
CA GLU B 11 6.36 0.66 11.50
C GLU B 11 6.80 -0.80 11.42
N GLU B 12 6.18 -1.65 12.23
CA GLU B 12 6.53 -3.05 12.22
C GLU B 12 6.11 -3.75 10.93
N LEU B 13 4.89 -3.45 10.45
CA LEU B 13 4.38 -4.09 9.24
C LEU B 13 5.36 -3.84 8.08
N LYS B 14 5.86 -2.61 7.96
CA LYS B 14 6.69 -2.24 6.82
C LYS B 14 8.02 -2.95 6.78
N LYS B 15 8.47 -3.46 7.90
CA LYS B 15 9.72 -4.20 7.96
C LYS B 15 9.62 -5.55 7.29
N HIS B 16 8.43 -6.11 7.22
CA HIS B 16 8.28 -7.48 6.75
C HIS B 16 7.87 -7.41 5.29
N ASN B 17 8.84 -7.03 4.45
CA ASN B 17 8.60 -6.73 3.05
C ASN B 17 9.39 -7.60 2.09
N LYS B 18 9.96 -8.68 2.58
CA LYS B 18 10.78 -9.56 1.77
C LYS B 18 10.03 -10.86 1.55
N LYS B 19 10.33 -11.54 0.47
CA LYS B 19 9.61 -12.75 0.14
C LYS B 19 9.62 -13.80 1.25
N ASP B 20 10.76 -13.94 1.94
CA ASP B 20 10.86 -14.93 3.01
CA ASP B 20 10.88 -14.93 3.00
C ASP B 20 10.36 -14.43 4.36
N ASP B 21 9.91 -13.18 4.42
CA ASP B 21 9.39 -12.59 5.64
C ASP B 21 8.42 -11.50 5.22
N CYS B 22 7.26 -11.95 4.74
CA CYS B 22 6.31 -11.08 4.06
C CYS B 22 5.03 -10.99 4.84
N TRP B 23 4.75 -9.83 5.41
CA TRP B 23 3.48 -9.61 6.11
C TRP B 23 2.59 -8.73 5.24
N ILE B 24 1.31 -9.07 5.21
CA ILE B 24 0.29 -8.30 4.50
C ILE B 24 -0.88 -8.10 5.45
N CYS B 25 -1.40 -6.87 5.47
CA CYS B 25 -2.62 -6.59 6.22
C CYS B 25 -3.82 -6.62 5.28
N ILE B 26 -4.83 -7.38 5.64
CA ILE B 26 -6.11 -7.39 4.90
C ILE B 26 -7.23 -7.10 5.90
N ARG B 27 -7.91 -5.98 5.71
CA ARG B 27 -9.05 -5.61 6.58
C ARG B 27 -8.65 -5.63 8.05
N GLY B 28 -7.45 -5.14 8.35
CA GLY B 28 -6.94 -5.02 9.72
C GLY B 28 -6.27 -6.26 10.29
N PHE B 29 -6.37 -7.39 9.60
CA PHE B 29 -5.76 -8.66 10.02
C PHE B 29 -4.42 -8.78 9.31
N VAL B 30 -3.38 -9.11 10.06
CA VAL B 30 -2.04 -9.21 9.51
C VAL B 30 -1.64 -10.66 9.38
N TYR B 31 -1.17 -11.04 8.21
CA TYR B 31 -0.74 -12.42 7.92
C TYR B 31 0.69 -12.44 7.44
N ASN B 32 1.43 -13.44 7.92
CA ASN B 32 2.72 -13.74 7.33
CA ASN B 32 2.72 -13.83 7.38
C ASN B 32 2.48 -14.75 6.20
N VAL B 33 2.51 -14.21 4.98
CA VAL B 33 2.18 -15.01 3.81
C VAL B 33 3.37 -15.72 3.20
N SER B 34 4.55 -15.64 3.81
CA SER B 34 5.70 -16.32 3.23
C SER B 34 5.45 -17.81 2.95
N PRO B 35 4.78 -18.56 3.86
CA PRO B 35 4.56 -19.98 3.53
C PRO B 35 3.58 -20.17 2.38
N TYR B 36 2.76 -19.17 2.09
CA TYR B 36 1.74 -19.26 1.06
C TYR B 36 2.26 -18.89 -0.32
N MET B 37 3.41 -18.19 -0.35
CA MET B 37 4.01 -17.73 -1.60
C MET B 37 3.99 -18.76 -2.69
N GLU B 38 4.45 -19.96 -2.37
CA GLU B 38 4.59 -20.99 -3.39
C GLU B 38 3.27 -21.59 -3.86
N TYR B 39 2.17 -21.26 -3.19
CA TYR B 39 0.86 -21.85 -3.48
C TYR B 39 -0.11 -20.86 -4.13
N HIS B 40 0.13 -19.57 -3.97
CA HIS B 40 -0.84 -18.57 -4.42
C HIS B 40 -1.15 -18.73 -5.91
N PRO B 41 -2.44 -18.91 -6.28
CA PRO B 41 -2.68 -19.17 -7.70
C PRO B 41 -2.24 -18.04 -8.62
N GLY B 42 -2.29 -16.80 -8.13
CA GLY B 42 -1.87 -15.65 -8.93
C GLY B 42 -0.38 -15.49 -9.03
N GLY B 43 0.38 -16.31 -8.31
CA GLY B 43 1.83 -16.28 -8.38
C GLY B 43 2.47 -15.43 -7.29
N GLU B 44 3.78 -15.50 -7.21
CA GLU B 44 4.52 -14.84 -6.13
C GLU B 44 4.64 -13.33 -6.35
N ASP B 45 4.93 -12.93 -7.58
CA ASP B 45 5.09 -11.51 -7.89
C ASP B 45 3.82 -10.74 -7.49
N GLU B 46 2.66 -11.33 -7.77
CA GLU B 46 1.41 -10.64 -7.44
C GLU B 46 1.25 -10.44 -5.94
N LEU B 47 1.51 -11.50 -5.19
CA LEU B 47 1.40 -11.40 -3.76
C LEU B 47 2.39 -10.35 -3.22
N MET B 48 3.62 -10.30 -3.77
CA MET B 48 4.64 -9.32 -3.37
C MET B 48 4.25 -7.87 -3.60
N ARG B 49 3.27 -7.63 -4.46
CA ARG B 49 2.76 -6.29 -4.65
C ARG B 49 2.26 -5.67 -3.35
N ALA B 50 1.82 -6.51 -2.43
CA ALA B 50 1.26 -6.06 -1.15
C ALA B 50 2.24 -6.25 0.02
N ALA B 51 3.47 -6.67 -0.26
CA ALA B 51 4.43 -6.98 0.80
C ALA B 51 4.62 -5.81 1.74
N GLY B 52 4.58 -6.09 3.05
CA GLY B 52 4.85 -5.07 4.03
C GLY B 52 3.90 -3.90 3.97
N SER B 53 2.64 -4.15 3.66
CA SER B 53 1.67 -3.11 3.43
C SER B 53 0.26 -3.60 3.67
N ASP B 54 -0.66 -2.65 3.60
CA ASP B 54 -2.06 -2.95 3.59
C ASP B 54 -2.46 -3.37 2.18
N GLY B 55 -2.79 -4.63 2.04
CA GLY B 55 -3.16 -5.18 0.77
C GLY B 55 -4.64 -5.25 0.47
N THR B 56 -5.48 -4.63 1.31
CA THR B 56 -6.93 -4.76 1.15
C THR B 56 -7.43 -4.31 -0.21
N GLU B 57 -6.96 -3.17 -0.68
CA GLU B 57 -7.43 -2.65 -1.93
C GLU B 57 -7.04 -3.55 -3.08
N LEU B 58 -5.78 -4.00 -3.10
CA LEU B 58 -5.33 -4.90 -4.15
C LEU B 58 -6.12 -6.20 -4.13
N PHE B 59 -6.32 -6.74 -2.93
CA PHE B 59 -7.07 -7.98 -2.74
C PHE B 59 -8.51 -7.83 -3.28
N ASP B 60 -9.14 -6.70 -2.96
CA ASP B 60 -10.51 -6.47 -3.40
C ASP B 60 -10.61 -6.19 -4.90
N GLN B 61 -9.52 -5.71 -5.51
CA GLN B 61 -9.46 -5.41 -6.97
C GLN B 61 -9.35 -6.68 -7.80
N VAL B 62 -8.95 -7.81 -7.18
CA VAL B 62 -8.78 -9.07 -7.91
C VAL B 62 -9.70 -10.21 -7.49
N HIS B 63 -10.02 -10.30 -6.19
CA HIS B 63 -10.85 -11.41 -5.69
C HIS B 63 -11.39 -11.12 -4.29
N ARG B 64 -12.36 -10.23 -4.27
CA ARG B 64 -13.04 -9.77 -3.05
CA ARG B 64 -12.88 -9.76 -2.99
C ARG B 64 -13.53 -10.87 -2.14
N TRP B 65 -13.94 -11.98 -2.74
CA TRP B 65 -14.65 -13.03 -2.03
C TRP B 65 -13.79 -14.22 -1.63
N VAL B 66 -12.48 -14.18 -1.89
CA VAL B 66 -11.60 -15.28 -1.48
C VAL B 66 -11.60 -15.40 0.05
N ASN B 67 -11.66 -16.63 0.56
CA ASN B 67 -11.77 -16.80 2.04
CA ASN B 67 -11.76 -16.91 1.99
C ASN B 67 -10.40 -16.82 2.70
N TYR B 68 -9.79 -15.65 2.77
CA TYR B 68 -8.44 -15.54 3.29
C TYR B 68 -8.36 -15.87 4.78
N GLU B 69 -9.41 -15.58 5.55
CA GLU B 69 -9.35 -15.79 7.02
C GLU B 69 -9.19 -17.26 7.32
N SER B 70 -9.92 -18.10 6.61
CA SER B 70 -9.82 -19.54 6.82
CA SER B 70 -9.78 -19.54 6.84
CA SER B 70 -9.83 -19.55 6.78
C SER B 70 -8.52 -20.09 6.18
N MET B 71 -8.24 -19.69 4.96
CA MET B 71 -7.06 -20.18 4.26
CA MET B 71 -7.05 -20.22 4.30
C MET B 71 -5.75 -19.89 5.02
N LEU B 72 -5.65 -18.67 5.58
CA LEU B 72 -4.42 -18.19 6.17
C LEU B 72 -4.45 -18.23 7.70
N LYS B 73 -5.35 -19.00 8.30
CA LYS B 73 -5.49 -18.96 9.75
C LYS B 73 -4.18 -19.31 10.47
N GLU B 74 -3.40 -20.25 9.94
CA GLU B 74 -2.15 -20.65 10.60
C GLU B 74 -1.03 -19.62 10.45
N CYS B 75 -1.28 -18.59 9.64
CA CYS B 75 -0.33 -17.53 9.34
C CYS B 75 -0.72 -16.20 9.97
N LEU B 76 -1.76 -16.15 10.77
CA LEU B 76 -2.25 -14.93 11.40
C LEU B 76 -1.26 -14.44 12.46
N VAL B 77 -0.79 -13.22 12.24
CA VAL B 77 0.15 -12.54 13.14
C VAL B 77 -0.62 -11.83 14.25
N GLY B 78 -1.70 -11.16 13.86
CA GLY B 78 -2.44 -10.30 14.78
C GLY B 78 -3.20 -9.25 14.04
N ARG B 79 -3.38 -8.11 14.71
CA ARG B 79 -4.22 -7.02 14.24
CA ARG B 79 -4.20 -7.03 14.18
C ARG B 79 -3.44 -5.72 14.20
N MET B 80 -3.77 -4.86 13.26
CA MET B 80 -3.16 -3.55 13.21
C MET B 80 -3.54 -2.72 14.43
N ALA B 81 -2.56 -1.98 14.94
CA ALA B 81 -2.77 -0.97 15.98
C ALA B 81 -3.79 0.06 15.53
N ILE B 82 -4.48 0.64 16.49
CA ILE B 82 -5.39 1.77 16.24
C ILE B 82 -5.03 2.94 17.17
N LYS B 83 -5.42 4.15 16.76
CA LYS B 83 -5.36 5.32 17.62
C LYS B 83 -6.57 5.30 18.58
N PRO B 84 -6.40 5.82 19.81
CA PRO B 84 -7.55 5.87 20.71
C PRO B 84 -8.80 6.56 20.13
N ALA B 85 -8.59 7.55 19.28
CA ALA B 85 -9.69 8.30 18.68
C ALA B 85 -10.62 7.43 17.84
N VAL B 86 -10.11 6.33 17.30
CA VAL B 86 -10.91 5.41 16.51
C VAL B 86 -12.10 4.85 17.32
N LEU B 87 -12.01 4.86 18.65
CA LEU B 87 -13.03 4.26 19.50
C LEU B 87 -14.10 5.23 19.98
N LYS B 88 -13.98 6.50 19.60
CA LYS B 88 -14.96 7.55 19.93
C LYS B 88 -16.35 7.14 19.45
#